data_5ZIT
#
_entry.id   5ZIT
#
_cell.length_a   60.683
_cell.length_b   60.683
_cell.length_c   360.518
_cell.angle_alpha   90.000
_cell.angle_beta   90.000
_cell.angle_gamma   90.000
#
_symmetry.space_group_name_H-M   'P 41 21 2'
#
loop_
_entity.id
_entity.type
_entity.pdbx_description
1 polymer RdRp
2 non-polymer 'NADPH DIHYDRO-NICOTINAMIDE-ADENINE-DINUCLEOTIDE PHOSPHATE'
3 non-polymer DI(HYDROXYETHYL)ETHER
4 water water
#
_entity_poly.entity_id   1
_entity_poly.type   'polypeptide(L)'
_entity_poly.pdbx_seq_one_letter_code
;GEIVSNEKSGVCINAPAKTKLQPSVFHQVFEGSKEPAVLNSKDPRLKTDFEEAIFSKYTGNKIMLMDEYMEEAVDHYVGC
LEPLDISIDPIPLESAMYGMDGLEALDLTTSAGFPYLLQGKKKRDIFNRQTRDTTEMTRMLEKYGVDLPFVTFVKDELRS
REKVEKGKSRLIEASSLNDSVAMRVAFGNLYATFHNNPGTATGSAVGCDPDVFWSKIPILLNGEIFAFDYTGYDASLSPV
WFACLKKVLIKLGYTHQTSFIDYLCHSVHLYKDRKYIVNGGMPSGSSGTSIFNTMINNIIIRTLLIRVYKGIDLDQFKMI
AYGDDVIASYPHKIDPGLLAEAGKHYGLIMTPADKGTSFVDTNWENVTFLKRYFRADDQYPFLIHPVMPMKEIHESIRWT
KDPRNTQDHVRSLCYLAWHNGEEAYNEFCRKIRSVPVGRALTLPAYSSLRRKWLDSF
;
_entity_poly.pdbx_strand_id   A
#
# COMPACT_ATOMS: atom_id res chain seq x y z
N GLY A 1 5.04 4.52 15.75
CA GLY A 1 4.01 3.86 16.53
C GLY A 1 4.49 3.16 17.78
N GLU A 2 3.82 3.43 18.90
CA GLU A 2 4.10 2.86 20.21
C GLU A 2 2.79 2.58 20.94
N ILE A 3 2.75 1.50 21.71
CA ILE A 3 1.53 1.04 22.37
C ILE A 3 1.52 1.60 23.79
N VAL A 4 0.57 2.51 24.05
CA VAL A 4 0.55 3.15 25.35
C VAL A 4 -0.20 2.32 26.38
N SER A 5 -1.05 1.41 25.94
CA SER A 5 -1.93 0.73 26.87
C SER A 5 -2.52 -0.51 26.22
N ASN A 6 -2.90 -1.47 27.06
CA ASN A 6 -3.69 -2.61 26.64
C ASN A 6 -4.42 -3.17 27.86
N GLU A 7 -5.71 -3.48 27.71
CA GLU A 7 -6.56 -4.00 28.78
C GLU A 7 -7.58 -4.97 28.20
N LYS A 8 -8.42 -5.53 29.08
CA LYS A 8 -9.49 -6.43 28.64
C LYS A 8 -10.53 -5.69 27.80
N SER A 9 -10.82 -6.23 26.62
CA SER A 9 -11.66 -5.55 25.64
C SER A 9 -13.12 -5.52 26.06
N GLY A 10 -13.63 -6.64 26.58
CA GLY A 10 -15.05 -6.84 26.78
C GLY A 10 -15.70 -7.66 25.69
N VAL A 11 -14.90 -8.22 24.79
CA VAL A 11 -15.43 -8.98 23.68
C VAL A 11 -14.63 -10.26 23.58
N CYS A 12 -15.29 -11.34 23.19
CA CYS A 12 -14.61 -12.59 22.89
C CYS A 12 -14.33 -12.67 21.39
N ILE A 13 -13.65 -11.65 20.87
CA ILE A 13 -13.40 -11.54 19.41
C ILE A 13 -12.85 -12.82 18.80
N ASN A 14 -13.54 -13.27 17.74
CA ASN A 14 -13.36 -14.60 17.15
C ASN A 14 -11.90 -14.86 16.80
N ALA A 15 -11.37 -15.96 17.32
CA ALA A 15 -10.10 -16.49 16.86
C ALA A 15 -10.19 -16.72 15.36
N PRO A 16 -9.08 -16.62 14.63
CA PRO A 16 -9.15 -16.77 13.16
C PRO A 16 -9.44 -18.19 12.74
N ALA A 17 -9.49 -18.42 11.43
CA ALA A 17 -9.68 -19.75 10.90
C ALA A 17 -8.33 -20.40 10.62
N LYS A 18 -8.34 -21.57 9.98
CA LYS A 18 -7.12 -22.08 9.38
C LYS A 18 -6.82 -21.30 8.11
N THR A 19 -5.65 -21.55 7.52
CA THR A 19 -5.34 -20.82 6.31
C THR A 19 -6.11 -21.41 5.12
N LYS A 20 -6.12 -20.67 4.03
CA LYS A 20 -6.75 -21.13 2.79
C LYS A 20 -5.70 -21.47 1.73
N LEU A 21 -4.42 -21.50 2.12
CA LEU A 21 -3.31 -21.69 1.19
C LEU A 21 -2.99 -23.18 1.07
N GLN A 22 -3.24 -23.78 -0.11
CA GLN A 22 -2.78 -25.14 -0.33
C GLN A 22 -1.79 -25.18 -1.49
N PRO A 23 -0.77 -26.04 -1.42
CA PRO A 23 0.15 -26.16 -2.56
C PRO A 23 -0.61 -26.30 -3.86
N SER A 24 -0.04 -25.77 -4.94
CA SER A 24 -0.70 -25.84 -6.23
C SER A 24 -0.21 -27.05 -7.02
N VAL A 25 -0.90 -27.34 -8.12
CA VAL A 25 -0.47 -28.35 -9.08
C VAL A 25 0.87 -28.01 -9.71
N PHE A 26 1.42 -26.85 -9.36
CA PHE A 26 2.75 -26.43 -9.74
C PHE A 26 3.70 -26.29 -8.55
N HIS A 27 3.28 -26.73 -7.35
CA HIS A 27 4.15 -26.64 -6.16
C HIS A 27 5.46 -27.38 -6.36
N GLN A 28 5.46 -28.45 -7.16
CA GLN A 28 6.71 -29.18 -7.38
C GLN A 28 7.33 -28.87 -8.74
N VAL A 29 6.63 -28.13 -9.60
CA VAL A 29 7.14 -27.78 -10.94
C VAL A 29 8.10 -26.59 -10.90
N PHE A 30 7.80 -25.55 -10.11
CA PHE A 30 8.64 -24.37 -9.91
C PHE A 30 9.28 -24.34 -8.52
N GLU A 31 10.41 -23.65 -8.40
CA GLU A 31 11.15 -23.59 -7.14
C GLU A 31 10.74 -22.39 -6.28
N GLY A 32 10.61 -22.61 -4.96
CA GLY A 32 10.17 -21.55 -4.08
C GLY A 32 10.25 -21.78 -2.59
N SER A 33 10.32 -20.68 -1.83
CA SER A 33 10.31 -20.69 -0.35
C SER A 33 9.22 -19.77 0.22
N GLU A 35 5.97 -19.89 1.64
CA GLU A 35 4.92 -20.67 2.29
C GLU A 35 4.08 -19.81 3.24
N PRO A 36 2.85 -20.26 3.57
CA PRO A 36 1.85 -19.33 4.11
C PRO A 36 2.20 -18.82 5.49
N ALA A 37 1.56 -17.70 5.85
CA ALA A 37 1.94 -16.92 7.03
C ALA A 37 1.53 -17.61 8.32
N VAL A 38 2.32 -17.40 9.38
CA VAL A 38 1.95 -17.91 10.70
C VAL A 38 0.71 -17.16 11.18
N LEU A 39 -0.34 -17.91 11.54
CA LEU A 39 -1.61 -17.34 11.93
C LEU A 39 -2.00 -17.59 13.37
N ASN A 40 -1.30 -18.48 14.08
CA ASN A 40 -1.54 -18.68 15.50
C ASN A 40 -0.24 -18.98 16.21
N SER A 41 -0.29 -18.88 17.54
CA SER A 41 0.87 -19.19 18.37
C SER A 41 1.33 -20.63 18.20
N LYS A 42 0.43 -21.55 18.38
CA LYS A 42 0.74 -22.95 18.39
C LYS A 42 1.09 -23.51 16.99
N ASP A 43 1.26 -22.71 15.94
CA ASP A 43 1.74 -23.26 14.68
C ASP A 43 3.08 -23.93 14.90
N PRO A 44 3.33 -25.09 14.30
CA PRO A 44 4.55 -25.84 14.60
C PRO A 44 5.83 -25.17 14.15
N ARG A 45 5.74 -24.13 13.30
CA ARG A 45 6.89 -23.62 12.56
C ARG A 45 7.58 -22.42 13.18
N LEU A 46 7.13 -21.92 14.33
CA LEU A 46 7.73 -20.74 14.92
C LEU A 46 9.04 -21.06 15.65
N LYS A 47 10.01 -20.16 15.54
CA LYS A 47 11.26 -20.26 16.27
C LYS A 47 11.41 -19.18 17.35
N THR A 48 10.41 -18.31 17.52
CA THR A 48 10.36 -17.35 18.61
C THR A 48 8.91 -16.98 18.87
N ASP A 49 8.70 -16.20 19.93
CA ASP A 49 7.36 -15.96 20.44
C ASP A 49 6.51 -15.29 19.36
N PHE A 50 5.35 -15.89 19.09
CA PHE A 50 4.49 -15.41 18.02
C PHE A 50 3.99 -14.00 18.28
N GLU A 51 3.13 -13.86 19.30
CA GLU A 51 2.59 -12.56 19.66
C GLU A 51 3.68 -11.49 19.78
N GLU A 52 4.90 -11.90 20.12
CA GLU A 52 5.98 -10.93 20.25
C GLU A 52 6.44 -10.37 18.91
N ALA A 53 6.43 -11.19 17.85
CA ALA A 53 6.99 -10.76 16.58
C ALA A 53 6.02 -9.89 15.76
N ILE A 54 4.71 -9.98 15.97
CA ILE A 54 3.79 -9.29 15.08
C ILE A 54 3.40 -7.90 15.57
N PHE A 55 3.68 -7.57 16.84
CA PHE A 55 3.53 -6.22 17.35
C PHE A 55 4.86 -5.46 17.45
N SER A 56 5.98 -6.16 17.25
CA SER A 56 7.29 -5.52 17.21
C SER A 56 7.43 -4.55 16.05
N LYS A 57 6.47 -4.51 15.12
CA LYS A 57 6.38 -3.40 14.16
C LYS A 57 6.49 -2.07 14.89
N TYR A 58 5.90 -2.01 16.10
CA TYR A 58 5.90 -0.79 16.88
C TYR A 58 7.25 -0.60 17.58
N THR A 59 7.86 0.56 17.33
CA THR A 59 9.23 0.82 17.73
C THR A 59 9.40 2.06 18.58
N GLY A 60 8.35 2.85 18.76
CA GLY A 60 8.36 4.06 19.55
C GLY A 60 8.29 5.31 18.69
N ASN A 61 7.83 6.41 19.32
CA ASN A 61 7.75 7.66 18.61
C ASN A 61 8.98 8.53 18.84
N LYS A 62 9.23 9.42 17.88
CA LYS A 62 10.23 10.48 18.00
C LYS A 62 9.55 11.78 18.45
N ILE A 63 8.99 11.76 19.66
CA ILE A 63 8.08 12.81 20.12
C ILE A 63 8.73 14.18 19.95
N MET A 64 8.04 15.12 19.33
CA MET A 64 8.62 16.42 18.96
C MET A 64 7.58 17.34 18.32
N LEU A 65 7.93 18.62 18.24
CA LEU A 65 7.19 19.60 17.47
C LEU A 65 7.87 19.80 16.11
N MET A 66 7.04 20.12 15.11
CA MET A 66 7.52 20.20 13.73
C MET A 66 8.66 21.19 13.60
N ASP A 67 9.81 20.71 13.11
CA ASP A 67 10.99 21.55 12.96
C ASP A 67 10.90 22.39 11.68
N GLU A 68 11.92 23.22 11.47
CA GLU A 68 11.86 24.21 10.40
C GLU A 68 11.90 23.57 9.02
N TYR A 69 12.60 22.44 8.89
CA TYR A 69 12.63 21.74 7.62
C TYR A 69 11.25 21.25 7.27
N MET A 70 10.60 20.51 8.18
CA MET A 70 9.24 20.00 7.97
C MET A 70 8.28 21.07 7.45
N GLU A 71 8.24 22.25 8.09
CA GLU A 71 7.27 23.28 7.70
C GLU A 71 7.49 23.70 6.25
N GLU A 72 8.73 23.69 5.78
CA GLU A 72 8.99 24.10 4.41
C GLU A 72 8.59 22.99 3.43
N ALA A 73 8.88 21.73 3.80
CA ALA A 73 8.48 20.58 2.97
C ALA A 73 6.97 20.55 2.76
N VAL A 74 6.21 20.95 3.79
CA VAL A 74 4.76 21.04 3.68
C VAL A 74 4.37 22.06 2.63
N ASP A 75 4.91 23.28 2.72
CA ASP A 75 4.50 24.35 1.82
C ASP A 75 4.82 23.99 0.39
N HIS A 76 5.96 23.35 0.14
CA HIS A 76 6.29 23.00 -1.23
C HIS A 76 5.34 21.96 -1.76
N TYR A 77 4.93 21.02 -0.91
CA TYR A 77 4.03 19.95 -1.33
C TYR A 77 2.60 20.47 -1.43
N VAL A 78 2.17 21.31 -0.51
CA VAL A 78 0.85 21.93 -0.66
C VAL A 78 0.80 22.68 -1.98
N GLY A 79 1.91 23.33 -2.36
CA GLY A 79 1.97 24.05 -3.61
C GLY A 79 2.17 23.18 -4.85
N CYS A 80 2.69 21.96 -4.67
CA CYS A 80 2.66 21.00 -5.77
C CYS A 80 1.24 20.55 -6.07
N LEU A 81 0.38 20.52 -5.05
CA LEU A 81 -0.97 19.96 -5.15
C LEU A 81 -1.99 20.97 -5.68
N GLU A 82 -1.85 22.25 -5.34
CA GLU A 82 -2.93 23.20 -5.60
C GLU A 82 -3.41 23.25 -7.04
N PRO A 83 -2.58 23.09 -8.07
CA PRO A 83 -3.12 23.03 -9.43
C PRO A 83 -4.15 21.93 -9.62
N LEU A 84 -4.20 20.93 -8.74
CA LEU A 84 -5.16 19.84 -8.88
C LEU A 84 -6.54 20.15 -8.32
N ASP A 85 -6.71 21.32 -7.71
CA ASP A 85 -8.00 21.83 -7.25
C ASP A 85 -8.81 20.76 -6.54
N ILE A 86 -8.55 20.57 -5.25
CA ILE A 86 -9.10 19.46 -4.47
C ILE A 86 -10.27 19.99 -3.65
N SER A 87 -11.49 19.72 -4.13
CA SER A 87 -12.67 20.18 -3.39
C SER A 87 -12.66 19.69 -1.94
N ILE A 88 -12.75 20.64 -1.01
CA ILE A 88 -12.97 20.27 0.37
C ILE A 88 -14.37 19.72 0.58
N ASP A 89 -15.26 19.92 -0.37
CA ASP A 89 -16.64 19.53 -0.16
C ASP A 89 -16.76 18.03 0.01
N PRO A 90 -17.70 17.59 0.83
CA PRO A 90 -17.93 16.16 1.01
C PRO A 90 -18.84 15.61 -0.06
N ILE A 91 -18.62 14.35 -0.42
CA ILE A 91 -19.46 13.74 -1.46
C ILE A 91 -20.76 13.29 -0.82
N PRO A 92 -21.84 13.20 -1.59
CA PRO A 92 -23.04 12.53 -1.10
C PRO A 92 -22.74 11.13 -0.57
N LEU A 93 -23.62 10.68 0.32
CA LEU A 93 -23.50 9.39 0.95
C LEU A 93 -23.44 8.25 -0.07
N GLU A 94 -24.39 8.23 -1.00
CA GLU A 94 -24.45 7.22 -2.04
C GLU A 94 -23.18 7.20 -2.87
N SER A 95 -22.48 8.33 -2.97
CA SER A 95 -21.21 8.32 -3.71
C SER A 95 -20.12 7.60 -2.92
N ALA A 96 -20.01 7.89 -1.62
CA ALA A 96 -19.10 7.12 -0.78
C ALA A 96 -19.38 5.61 -0.89
N MET A 97 -20.65 5.20 -0.75
CA MET A 97 -20.99 3.78 -0.70
C MET A 97 -20.76 3.10 -2.04
N TYR A 98 -21.44 3.60 -3.07
CA TYR A 98 -21.46 2.92 -4.37
C TYR A 98 -20.33 3.33 -5.29
N GLY A 99 -19.69 4.47 -5.01
CA GLY A 99 -18.64 4.96 -5.88
C GLY A 99 -19.06 6.14 -6.73
N MET A 100 -18.14 6.53 -7.59
CA MET A 100 -18.27 7.67 -8.49
C MET A 100 -17.05 7.63 -9.41
N ASP A 101 -16.82 8.70 -10.16
CA ASP A 101 -15.62 8.73 -11.00
C ASP A 101 -14.40 9.08 -10.17
N GLY A 102 -13.43 8.17 -10.17
CA GLY A 102 -12.26 8.28 -9.33
C GLY A 102 -12.35 7.46 -8.06
N LEU A 103 -13.54 6.94 -7.74
CA LEU A 103 -13.78 6.18 -6.52
C LEU A 103 -14.63 4.96 -6.84
N GLU A 104 -13.99 3.78 -6.85
CA GLU A 104 -14.75 2.56 -6.99
C GLU A 104 -15.80 2.47 -5.89
N ALA A 105 -16.76 1.55 -6.07
CA ALA A 105 -17.66 1.23 -4.97
C ALA A 105 -16.84 0.78 -3.79
N LEU A 106 -17.30 1.13 -2.59
CA LEU A 106 -16.70 0.53 -1.41
C LEU A 106 -16.65 -0.98 -1.60
N ASP A 107 -15.59 -1.59 -1.11
CA ASP A 107 -15.32 -2.98 -1.43
C ASP A 107 -16.13 -3.91 -0.54
N LEU A 108 -16.82 -4.86 -1.15
CA LEU A 108 -17.81 -5.61 -0.42
C LEU A 108 -17.22 -6.72 0.42
N THR A 109 -16.01 -7.16 0.13
CA THR A 109 -15.51 -8.36 0.80
C THR A 109 -14.74 -8.06 2.08
N THR A 110 -14.03 -6.93 2.16
CA THR A 110 -13.40 -6.55 3.41
C THR A 110 -14.45 -6.46 4.51
N SER A 111 -14.05 -6.86 5.72
CA SER A 111 -14.92 -6.87 6.88
C SER A 111 -15.48 -5.48 7.21
N ALA A 112 -16.62 -5.49 7.90
CA ALA A 112 -17.22 -4.28 8.45
C ALA A 112 -16.71 -3.95 9.84
N GLY A 113 -16.06 -4.89 10.53
CA GLY A 113 -15.49 -4.56 11.81
C GLY A 113 -16.51 -4.20 12.88
N PHE A 114 -16.03 -3.56 13.94
CA PHE A 114 -16.85 -3.24 15.10
C PHE A 114 -17.97 -2.22 14.77
N PRO A 115 -19.26 -2.39 15.31
CA PRO A 115 -19.48 -3.61 16.10
C PRO A 115 -20.31 -4.63 15.33
N TYR A 116 -20.29 -4.52 14.01
CA TYR A 116 -21.06 -5.38 13.13
C TYR A 116 -20.59 -6.81 13.19
N LEU A 117 -19.29 -7.04 12.96
CA LEU A 117 -18.79 -8.39 12.80
C LEU A 117 -19.16 -9.29 13.97
N LEU A 118 -19.66 -8.69 15.06
CA LEU A 118 -20.10 -9.41 16.24
C LEU A 118 -21.61 -9.40 16.42
N GLN A 119 -22.35 -8.83 15.48
CA GLN A 119 -23.80 -8.73 15.63
C GLN A 119 -24.58 -9.29 14.44
N GLY A 120 -23.93 -10.04 13.55
CA GLY A 120 -24.67 -10.66 12.46
C GLY A 120 -25.16 -9.73 11.37
N LYS A 121 -24.69 -8.47 11.37
CA LYS A 121 -24.96 -7.52 10.29
C LYS A 121 -23.81 -7.67 9.30
N LYS A 122 -24.05 -8.39 8.21
CA LYS A 122 -23.10 -8.42 7.10
C LYS A 122 -23.34 -7.23 6.20
N LYS A 123 -22.26 -6.70 5.63
CA LYS A 123 -22.37 -5.55 4.73
C LYS A 123 -23.10 -5.90 3.45
N ARG A 124 -23.09 -7.16 3.05
CA ARG A 124 -23.99 -7.59 1.98
C ARG A 124 -25.42 -7.15 2.28
N ASP A 125 -25.86 -7.34 3.52
CA ASP A 125 -27.22 -6.97 3.90
C ASP A 125 -27.46 -5.49 3.65
N ILE A 126 -26.71 -4.64 4.36
CA ILE A 126 -26.91 -3.19 4.30
C ILE A 126 -26.84 -2.68 2.86
N PHE A 127 -25.78 -3.04 2.15
CA PHE A 127 -25.37 -2.22 1.02
C PHE A 127 -26.39 -2.29 -0.10
N ASN A 128 -26.56 -3.46 -0.71
CA ASN A 128 -27.52 -3.62 -1.80
C ASN A 128 -27.19 -2.64 -2.94
N ARG A 129 -26.09 -2.97 -3.64
CA ARG A 129 -25.63 -2.16 -4.76
C ARG A 129 -26.78 -1.76 -5.69
N GLN A 130 -27.50 -2.75 -6.22
CA GLN A 130 -28.37 -2.56 -7.39
C GLN A 130 -29.34 -1.41 -7.21
N THR A 131 -29.88 -1.24 -6.02
CA THR A 131 -30.80 -0.13 -5.76
C THR A 131 -30.08 1.12 -5.26
N ARG A 132 -28.77 1.04 -5.04
CA ARG A 132 -28.00 2.17 -4.50
C ARG A 132 -28.63 2.69 -3.23
N ASP A 133 -29.00 1.76 -2.35
CA ASP A 133 -29.81 2.15 -1.20
C ASP A 133 -28.91 2.81 -0.18
N THR A 134 -29.28 4.03 0.20
CA THR A 134 -28.46 4.91 1.01
C THR A 134 -29.12 5.21 2.35
N THR A 135 -30.00 4.31 2.80
CA THR A 135 -30.80 4.53 3.99
C THR A 135 -30.35 3.71 5.20
N GLU A 136 -29.86 2.48 4.97
CA GLU A 136 -29.38 1.63 6.06
C GLU A 136 -28.22 2.28 6.81
N MET A 137 -27.13 2.59 6.10
CA MET A 137 -25.98 3.24 6.73
C MET A 137 -26.40 4.44 7.55
N THR A 138 -27.24 5.30 6.99
CA THR A 138 -27.58 6.55 7.67
C THR A 138 -28.14 6.31 9.06
N ARG A 139 -28.89 5.22 9.24
CA ARG A 139 -29.27 4.81 10.59
C ARG A 139 -28.23 3.93 11.25
N MET A 140 -27.31 3.35 10.48
CA MET A 140 -26.19 2.66 11.10
C MET A 140 -25.24 3.66 11.74
N LEU A 141 -24.76 4.63 10.94
CA LEU A 141 -23.99 5.75 11.48
C LEU A 141 -24.72 6.43 12.64
N GLU A 142 -26.05 6.40 12.60
CA GLU A 142 -26.84 6.96 13.70
C GLU A 142 -26.67 6.16 14.97
N LYS A 143 -26.63 4.82 14.86
CA LYS A 143 -26.69 3.99 16.06
C LYS A 143 -25.36 4.02 16.81
N TYR A 144 -24.26 3.95 16.06
CA TYR A 144 -22.92 3.74 16.63
C TYR A 144 -21.97 4.90 16.40
N GLY A 145 -22.30 5.81 15.49
CA GLY A 145 -21.45 6.94 15.24
C GLY A 145 -20.18 6.54 14.50
N VAL A 146 -19.09 7.22 14.85
CA VAL A 146 -17.79 6.91 14.26
C VAL A 146 -16.75 6.86 15.36
N ASP A 147 -15.49 6.96 14.97
CA ASP A 147 -14.38 6.92 15.91
C ASP A 147 -14.36 5.58 16.64
N LEU A 148 -14.60 4.49 15.89
CA LEU A 148 -14.83 3.18 16.46
C LEU A 148 -13.58 2.31 16.33
N PRO A 149 -13.41 1.30 17.18
CA PRO A 149 -12.16 0.52 17.21
C PRO A 149 -11.81 -0.18 15.90
N PHE A 150 -10.55 -0.65 15.85
CA PHE A 150 -9.91 -1.26 14.69
C PHE A 150 -9.71 -2.75 14.92
N VAL A 151 -10.64 -3.55 14.39
CA VAL A 151 -10.55 -4.99 14.54
C VAL A 151 -9.31 -5.50 13.81
N THR A 152 -8.56 -6.35 14.47
CA THR A 152 -7.21 -6.72 14.06
C THR A 152 -7.24 -8.18 13.63
N PHE A 153 -6.91 -8.41 12.36
CA PHE A 153 -6.77 -9.73 11.79
C PHE A 153 -5.36 -9.87 11.26
N VAL A 154 -4.81 -11.07 11.33
CA VAL A 154 -3.55 -11.32 10.65
C VAL A 154 -3.82 -11.46 9.17
N LYS A 155 -2.91 -10.97 8.33
CA LYS A 155 -3.05 -11.13 6.89
C LYS A 155 -2.85 -12.61 6.54
N ASP A 156 -3.69 -13.12 5.63
CA ASP A 156 -3.62 -14.51 5.17
C ASP A 156 -2.89 -14.50 3.82
N GLU A 157 -1.60 -14.81 3.87
CA GLU A 157 -0.74 -14.54 2.73
C GLU A 157 0.54 -15.35 2.84
N LEU A 158 1.31 -15.41 1.75
CA LEU A 158 2.61 -16.06 1.74
C LEU A 158 3.68 -15.12 2.24
N ARG A 159 4.68 -15.67 2.90
CA ARG A 159 5.85 -14.92 3.33
C ARG A 159 7.08 -15.77 3.10
N SER A 160 8.24 -15.12 3.10
CA SER A 160 9.50 -15.85 3.02
C SER A 160 9.65 -16.76 4.22
N ARG A 161 10.65 -17.64 4.14
CA ARG A 161 10.91 -18.56 5.25
C ARG A 161 11.34 -17.82 6.51
N GLU A 162 12.32 -16.91 6.39
CA GLU A 162 12.77 -16.16 7.56
C GLU A 162 11.61 -15.49 8.28
N LYS A 163 10.65 -14.93 7.51
CA LYS A 163 9.51 -14.26 8.13
C LYS A 163 8.49 -15.22 8.70
N VAL A 164 8.48 -16.48 8.26
CA VAL A 164 7.64 -17.50 8.90
C VAL A 164 8.33 -18.03 10.15
N GLU A 165 9.63 -18.36 10.04
CA GLU A 165 10.43 -18.75 11.19
C GLU A 165 10.45 -17.66 12.26
N LYS A 166 10.71 -16.40 11.86
CA LYS A 166 10.70 -15.29 12.79
C LYS A 166 9.32 -14.98 13.35
N GLY A 167 8.26 -15.26 12.59
CA GLY A 167 6.96 -14.78 13.00
C GLY A 167 6.68 -13.36 12.54
N LYS A 168 7.36 -12.87 11.51
CA LYS A 168 7.14 -11.54 10.98
C LYS A 168 5.96 -11.56 10.01
N SER A 169 4.78 -11.85 10.55
CA SER A 169 3.52 -11.86 9.81
C SER A 169 2.82 -10.50 9.88
N ARG A 170 2.04 -10.21 8.84
CA ARG A 170 1.41 -8.91 8.67
C ARG A 170 -0.01 -8.89 9.24
N LEU A 171 -0.39 -7.76 9.82
CA LEU A 171 -1.69 -7.60 10.45
C LEU A 171 -2.58 -6.71 9.60
N ILE A 172 -3.87 -6.98 9.64
CA ILE A 172 -4.86 -6.07 9.10
C ILE A 172 -5.49 -5.39 10.30
N GLU A 173 -5.36 -4.07 10.40
CA GLU A 173 -6.09 -3.30 11.40
C GLU A 173 -7.28 -2.70 10.68
N ALA A 174 -8.39 -3.44 10.70
CA ALA A 174 -9.60 -3.09 9.96
C ALA A 174 -10.44 -2.07 10.73
N SER A 175 -10.67 -0.91 10.11
CA SER A 175 -11.54 0.09 10.69
C SER A 175 -12.99 -0.33 10.51
N SER A 176 -13.90 0.43 11.10
CA SER A 176 -15.32 0.11 10.98
C SER A 176 -15.87 0.58 9.63
N LEU A 177 -17.02 -0.01 9.26
CA LEU A 177 -17.73 0.46 8.07
C LEU A 177 -18.15 1.92 8.23
N ASN A 178 -18.68 2.27 9.42
CA ASN A 178 -19.03 3.65 9.75
C ASN A 178 -17.85 4.58 9.52
N ASP A 179 -16.69 4.24 10.09
CA ASP A 179 -15.49 5.03 9.86
C ASP A 179 -15.21 5.14 8.38
N SER A 180 -15.24 4.01 7.68
CA SER A 180 -14.94 3.98 6.26
C SER A 180 -15.78 4.98 5.49
N VAL A 181 -17.07 4.97 5.74
CA VAL A 181 -17.97 5.78 4.93
C VAL A 181 -17.71 7.26 5.18
N ALA A 182 -17.72 7.69 6.44
CA ALA A 182 -17.55 9.12 6.72
C ALA A 182 -16.28 9.66 6.08
N MET A 183 -15.16 8.95 6.26
CA MET A 183 -13.90 9.31 5.61
C MET A 183 -14.09 9.43 4.11
N ARG A 184 -14.59 8.34 3.49
CA ARG A 184 -14.89 8.35 2.07
C ARG A 184 -15.74 9.55 1.69
N VAL A 185 -16.44 10.15 2.65
CA VAL A 185 -17.28 11.29 2.34
C VAL A 185 -16.51 12.61 2.46
N ALA A 186 -15.57 12.70 3.41
CA ALA A 186 -14.76 13.91 3.56
C ALA A 186 -13.77 14.06 2.42
N PHE A 187 -13.01 13.01 2.13
CA PHE A 187 -11.89 13.08 1.19
C PHE A 187 -12.16 12.34 -0.12
N GLY A 188 -13.43 12.08 -0.45
CA GLY A 188 -13.72 11.38 -1.69
C GLY A 188 -13.15 12.08 -2.91
N ASN A 189 -13.40 13.39 -3.04
CA ASN A 189 -12.85 14.16 -4.15
C ASN A 189 -11.37 14.42 -3.96
N LEU A 190 -10.84 14.18 -2.77
CA LEU A 190 -9.40 14.10 -2.65
C LEU A 190 -8.91 12.76 -3.16
N TYR A 191 -9.45 11.68 -2.61
CA TYR A 191 -9.21 10.37 -3.20
C TYR A 191 -9.39 10.45 -4.70
N ALA A 192 -10.53 11.00 -5.14
CA ALA A 192 -10.80 11.09 -6.56
C ALA A 192 -9.67 11.80 -7.27
N THR A 193 -9.33 13.00 -6.80
CA THR A 193 -8.25 13.78 -7.42
C THR A 193 -7.02 12.91 -7.63
N PHE A 194 -6.52 12.34 -6.53
CA PHE A 194 -5.32 11.50 -6.56
C PHE A 194 -5.48 10.35 -7.55
N HIS A 195 -6.63 9.66 -7.50
CA HIS A 195 -6.79 8.43 -8.27
C HIS A 195 -6.75 8.71 -9.75
N ASN A 196 -7.30 9.86 -10.16
CA ASN A 196 -7.29 10.24 -11.55
C ASN A 196 -5.96 10.87 -11.98
N ASN A 197 -5.05 11.15 -11.05
CA ASN A 197 -3.82 11.89 -11.37
C ASN A 197 -2.56 11.31 -10.71
N PRO A 198 -2.15 10.13 -11.12
CA PRO A 198 -0.84 9.68 -10.66
C PRO A 198 0.24 10.49 -11.36
N GLY A 199 1.31 10.78 -10.62
CA GLY A 199 2.42 11.52 -11.17
C GLY A 199 3.03 12.44 -10.13
N THR A 200 3.85 13.37 -10.63
CA THR A 200 4.70 14.21 -9.80
C THR A 200 3.92 15.22 -8.95
N ALA A 201 2.70 15.58 -9.36
CA ALA A 201 1.91 16.57 -8.62
C ALA A 201 1.36 15.98 -7.31
N THR A 202 0.50 14.97 -7.42
CA THR A 202 0.15 14.17 -6.25
C THR A 202 1.40 13.56 -5.62
N GLY A 203 2.46 13.39 -6.40
CA GLY A 203 3.57 12.55 -6.01
C GLY A 203 3.17 11.11 -5.72
N SER A 204 2.20 10.56 -6.47
CA SER A 204 1.65 9.25 -6.14
C SER A 204 1.40 8.38 -7.36
N ALA A 205 1.39 7.08 -7.13
CA ALA A 205 0.99 6.08 -8.11
C ALA A 205 -0.15 5.19 -7.58
N VAL A 206 -0.91 5.69 -6.61
CA VAL A 206 -2.00 4.91 -6.01
C VAL A 206 -3.15 4.82 -7.00
N GLY A 207 -3.44 3.59 -7.44
CA GLY A 207 -4.42 3.41 -8.49
C GLY A 207 -3.88 3.67 -9.87
N CYS A 208 -2.65 3.24 -10.14
CA CYS A 208 -2.10 3.34 -11.47
C CYS A 208 -2.16 1.97 -12.11
N ASP A 209 -2.21 1.97 -13.44
CA ASP A 209 -2.03 0.73 -14.18
C ASP A 209 -0.58 0.67 -14.58
N PRO A 210 0.23 -0.18 -13.96
CA PRO A 210 1.65 -0.25 -14.35
C PRO A 210 1.86 -0.61 -15.80
N ASP A 211 0.94 -1.41 -16.39
CA ASP A 211 1.05 -1.81 -17.79
C ASP A 211 1.08 -0.61 -18.74
N VAL A 212 0.63 0.56 -18.30
CA VAL A 212 0.46 1.64 -19.25
C VAL A 212 0.95 2.96 -18.62
N PHE A 213 1.20 2.95 -17.31
CA PHE A 213 1.70 4.14 -16.62
C PHE A 213 3.22 4.15 -16.45
N TRP A 214 3.87 3.00 -16.63
CA TRP A 214 5.30 2.93 -16.39
C TRP A 214 6.11 3.63 -17.48
N SER A 215 5.52 3.89 -18.63
CA SER A 215 6.21 4.63 -19.66
C SER A 215 6.21 6.12 -19.37
N LYS A 216 5.15 6.62 -18.74
CA LYS A 216 5.12 8.01 -18.23
C LYS A 216 6.20 8.26 -17.18
N ILE A 217 6.65 7.24 -16.48
CA ILE A 217 7.43 7.41 -15.26
C ILE A 217 8.79 8.08 -15.49
N PRO A 218 9.59 7.68 -16.49
CA PRO A 218 10.89 8.33 -16.67
C PRO A 218 10.84 9.72 -17.35
N ILE A 219 9.72 10.11 -17.94
CA ILE A 219 9.62 11.45 -18.51
C ILE A 219 9.41 12.48 -17.40
N LEU A 220 8.63 12.11 -16.38
CA LEU A 220 8.29 13.02 -15.29
C LEU A 220 9.45 13.17 -14.33
N LEU A 221 10.20 12.10 -14.13
CA LEU A 221 11.31 12.23 -13.20
C LEU A 221 12.50 12.83 -13.95
N ASN A 222 13.00 12.11 -14.97
CA ASN A 222 13.98 12.60 -15.97
C ASN A 222 15.33 13.11 -15.46
N GLY A 223 15.42 13.50 -14.20
CA GLY A 223 16.69 13.95 -13.66
C GLY A 223 17.49 12.77 -13.17
N GLU A 224 18.24 12.97 -12.08
CA GLU A 224 19.11 11.92 -11.56
C GLU A 224 18.39 11.25 -10.39
N ILE A 225 17.98 9.99 -10.61
CA ILE A 225 16.99 9.34 -9.77
C ILE A 225 17.66 8.62 -8.62
N PHE A 226 16.91 8.54 -7.52
CA PHE A 226 17.26 7.76 -6.36
C PHE A 226 15.97 7.21 -5.78
N ALA A 227 16.06 6.08 -5.10
CA ALA A 227 14.87 5.38 -4.67
C ALA A 227 15.09 4.84 -3.27
N PHE A 228 14.00 4.57 -2.58
CA PHE A 228 14.07 4.22 -1.18
C PHE A 228 13.03 3.16 -0.87
N ASP A 229 13.41 2.25 0.01
CA ASP A 229 12.45 1.37 0.63
C ASP A 229 12.63 1.43 2.13
N TYR A 230 11.50 1.48 2.83
CA TYR A 230 11.47 1.61 4.28
C TYR A 230 11.30 0.24 4.92
N THR A 231 11.50 0.25 6.23
CA THR A 231 11.42 -0.93 7.09
C THR A 231 10.39 -0.64 8.17
N GLY A 232 9.30 -1.40 8.14
CA GLY A 232 8.20 -1.17 9.08
C GLY A 232 7.63 0.23 8.99
N TYR A 233 7.51 0.76 7.77
CA TYR A 233 7.22 2.18 7.55
C TYR A 233 5.97 2.64 8.27
N ASP A 234 4.84 2.01 7.96
CA ASP A 234 3.56 2.50 8.48
C ASP A 234 3.60 2.57 9.99
N ALA A 235 4.40 1.73 10.61
CA ALA A 235 4.60 1.80 12.04
C ALA A 235 5.74 2.74 12.43
N SER A 236 6.68 3.04 11.54
CA SER A 236 7.75 3.96 11.93
C SER A 236 7.30 5.39 11.96
N LEU A 237 6.00 5.66 11.78
CA LEU A 237 5.47 7.01 11.75
C LEU A 237 5.13 7.49 13.17
N SER A 238 5.86 8.50 13.65
CA SER A 238 5.50 9.21 14.87
C SER A 238 4.32 10.13 14.62
N PRO A 239 3.56 10.49 15.69
CA PRO A 239 2.42 11.42 15.52
C PRO A 239 2.72 12.66 14.70
N VAL A 240 3.95 13.16 14.78
CA VAL A 240 4.28 14.44 14.17
C VAL A 240 3.97 14.41 12.69
N TRP A 241 4.48 13.41 11.97
CA TRP A 241 4.21 13.32 10.54
C TRP A 241 2.73 13.42 10.28
N PHE A 242 1.91 12.82 11.15
CA PHE A 242 0.48 13.02 11.00
C PHE A 242 0.12 14.49 11.07
N ALA A 243 0.86 15.26 11.88
CA ALA A 243 0.55 16.68 12.00
C ALA A 243 0.91 17.40 10.73
N CYS A 244 2.03 16.99 10.12
CA CYS A 244 2.46 17.59 8.86
C CYS A 244 1.40 17.33 7.80
N LEU A 245 0.87 16.11 7.77
CA LEU A 245 -0.32 15.83 6.97
C LEU A 245 -1.48 16.76 7.37
N LYS A 246 -1.77 16.88 8.66
CA LYS A 246 -2.77 17.83 9.10
C LYS A 246 -2.47 19.23 8.54
N LYS A 247 -1.21 19.65 8.60
CA LYS A 247 -0.86 20.98 8.12
C LYS A 247 -1.08 21.11 6.61
N VAL A 248 -0.68 20.10 5.84
CA VAL A 248 -0.97 20.07 4.42
C VAL A 248 -2.46 20.27 4.19
N LEU A 249 -3.26 19.45 4.88
CA LEU A 249 -4.69 19.42 4.62
C LEU A 249 -5.34 20.77 4.91
N ILE A 250 -4.80 21.51 5.88
CA ILE A 250 -5.28 22.85 6.17
C ILE A 250 -5.10 23.74 4.95
N LYS A 251 -3.87 23.82 4.45
CA LYS A 251 -3.58 24.66 3.30
C LYS A 251 -4.38 24.27 2.08
N LEU A 252 -4.88 23.05 2.03
CA LEU A 252 -5.89 22.68 1.07
C LEU A 252 -7.28 23.15 1.47
N GLY A 253 -7.39 23.85 2.59
CA GLY A 253 -8.66 24.39 3.02
C GLY A 253 -9.54 23.44 3.79
N TYR A 254 -8.95 22.55 4.59
CA TYR A 254 -9.76 21.63 5.39
C TYR A 254 -9.82 22.14 6.83
N THR A 255 -10.90 21.78 7.52
CA THR A 255 -11.28 22.32 8.81
C THR A 255 -11.45 21.20 9.83
N HIS A 256 -12.71 20.86 10.11
CA HIS A 256 -13.02 19.85 11.10
C HIS A 256 -12.62 18.45 10.66
N GLN A 257 -12.15 18.29 9.43
CA GLN A 257 -11.82 16.97 8.92
C GLN A 257 -10.45 16.47 9.36
N THR A 258 -9.72 17.23 10.18
CA THR A 258 -8.51 16.68 10.76
C THR A 258 -8.85 15.65 11.81
N SER A 259 -10.08 15.72 12.34
CA SER A 259 -10.66 14.70 13.19
C SER A 259 -10.26 13.32 12.75
N PHE A 260 -10.29 13.12 11.43
CA PHE A 260 -9.99 11.81 10.83
C PHE A 260 -8.54 11.44 11.01
N ILE A 261 -7.62 12.39 10.80
CA ILE A 261 -6.22 12.04 11.03
C ILE A 261 -5.98 11.83 12.51
N ASP A 262 -6.68 12.58 13.35
CA ASP A 262 -6.66 12.24 14.75
C ASP A 262 -7.19 10.84 15.00
N TYR A 263 -8.17 10.41 14.20
CA TYR A 263 -8.63 9.05 14.26
C TYR A 263 -7.53 8.05 13.92
N LEU A 264 -6.57 8.46 13.10
CA LEU A 264 -5.49 7.57 12.67
C LEU A 264 -4.27 7.66 13.57
N CYS A 265 -3.99 8.85 14.08
CA CYS A 265 -2.83 9.00 14.94
C CYS A 265 -3.03 8.21 16.22
N HIS A 266 -4.00 8.63 17.03
CA HIS A 266 -4.43 7.93 18.23
C HIS A 266 -5.41 6.84 17.81
N SER A 267 -4.96 5.58 17.79
CA SER A 267 -5.73 4.46 17.26
C SER A 267 -6.08 3.47 18.37
N VAL A 268 -7.30 2.96 18.34
CA VAL A 268 -7.79 1.99 19.33
C VAL A 268 -8.15 0.68 18.61
N HIS A 269 -7.42 -0.39 18.92
CA HIS A 269 -7.59 -1.65 18.21
C HIS A 269 -8.00 -2.78 19.14
N LEU A 270 -8.80 -3.69 18.58
CA LEU A 270 -9.30 -4.85 19.26
C LEU A 270 -8.59 -6.08 18.73
N TYR A 271 -7.79 -6.71 19.57
CA TYR A 271 -7.34 -8.02 19.17
C TYR A 271 -8.33 -9.05 19.69
N LYS A 272 -7.94 -9.88 20.64
CA LYS A 272 -8.78 -11.03 20.97
C LYS A 272 -9.82 -10.71 22.05
N ASP A 273 -9.47 -10.91 23.32
CA ASP A 273 -10.27 -10.29 24.37
C ASP A 273 -9.52 -9.09 24.94
N ARG A 274 -9.01 -8.26 24.03
CA ARG A 274 -8.05 -7.22 24.36
C ARG A 274 -8.36 -5.93 23.62
N LYS A 275 -7.96 -4.81 24.25
CA LYS A 275 -8.15 -3.45 23.72
C LYS A 275 -6.86 -2.64 23.89
N TYR A 276 -6.03 -2.60 22.85
CA TYR A 276 -4.79 -1.85 22.87
C TYR A 276 -4.95 -0.55 22.08
N ILE A 277 -4.25 0.48 22.55
CA ILE A 277 -4.35 1.84 22.05
C ILE A 277 -2.98 2.25 21.52
N VAL A 278 -2.93 2.76 20.30
CA VAL A 278 -1.67 3.08 19.62
C VAL A 278 -1.60 4.57 19.29
N ASN A 279 -0.48 5.21 19.66
CA ASN A 279 -0.20 6.62 19.41
C ASN A 279 0.98 6.74 18.46
N GLY A 280 0.72 7.30 17.27
CA GLY A 280 1.63 7.22 16.16
C GLY A 280 1.51 5.87 15.46
N GLY A 281 1.82 5.83 14.16
CA GLY A 281 1.69 4.60 13.38
C GLY A 281 0.36 4.51 12.67
N MET A 282 0.41 4.35 11.37
CA MET A 282 -0.76 4.34 10.48
C MET A 282 -1.37 2.94 10.41
N PRO A 283 -2.68 2.80 10.56
CA PRO A 283 -3.31 1.48 10.43
C PRO A 283 -3.50 1.05 8.98
N SER A 284 -3.35 -0.25 8.75
CA SER A 284 -3.40 -0.75 7.38
C SER A 284 -4.81 -0.79 6.81
N GLY A 285 -5.84 -0.76 7.65
CA GLY A 285 -7.20 -0.99 7.18
C GLY A 285 -8.12 0.20 7.02
N SER A 286 -7.59 1.42 7.03
CA SER A 286 -8.44 2.61 7.05
C SER A 286 -8.70 3.13 5.64
N SER A 287 -9.84 3.78 5.48
CA SER A 287 -10.33 4.16 4.16
C SER A 287 -9.54 5.33 3.59
N GLY A 288 -8.28 5.09 3.29
CA GLY A 288 -7.39 6.10 2.77
C GLY A 288 -5.98 5.84 3.24
N THR A 289 -5.80 4.73 3.97
CA THR A 289 -4.49 4.32 4.46
C THR A 289 -3.45 4.52 3.40
N SER A 290 -3.71 3.96 2.22
CA SER A 290 -2.74 4.04 1.13
C SER A 290 -2.53 5.48 0.69
N ILE A 291 -3.61 6.27 0.58
CA ILE A 291 -3.44 7.65 0.12
C ILE A 291 -2.69 8.47 1.15
N PHE A 292 -3.05 8.34 2.43
CA PHE A 292 -2.44 9.19 3.43
C PHE A 292 -0.99 8.78 3.68
N ASN A 293 -0.68 7.49 3.63
CA ASN A 293 0.72 7.06 3.66
C ASN A 293 1.54 7.76 2.59
N THR A 294 0.96 7.91 1.41
CA THR A 294 1.73 8.39 0.27
C THR A 294 2.02 9.87 0.38
N MET A 295 1.06 10.64 0.87
CA MET A 295 1.28 12.06 1.10
C MET A 295 2.38 12.26 2.15
N ILE A 296 2.28 11.56 3.28
CA ILE A 296 3.30 11.68 4.32
C ILE A 296 4.67 11.34 3.76
N ASN A 297 4.75 10.37 2.85
CA ASN A 297 6.04 10.06 2.23
C ASN A 297 6.53 11.21 1.36
N ASN A 298 5.62 11.97 0.75
CA ASN A 298 5.99 13.18 0.03
C ASN A 298 6.54 14.25 0.96
N ILE A 299 6.01 14.33 2.19
CA ILE A 299 6.50 15.23 3.22
C ILE A 299 7.85 14.76 3.75
N ILE A 300 7.93 13.47 4.09
CA ILE A 300 9.17 12.91 4.65
C ILE A 300 10.35 13.20 3.72
N ILE A 301 10.22 12.88 2.44
CA ILE A 301 11.34 13.00 1.53
C ILE A 301 11.77 14.46 1.38
N ARG A 302 10.83 15.34 1.04
CA ARG A 302 11.19 16.74 0.91
C ARG A 302 11.97 17.22 2.15
N THR A 303 11.48 16.87 3.35
CA THR A 303 12.12 17.24 4.61
C THR A 303 13.57 16.76 4.68
N LEU A 304 13.83 15.54 4.22
CA LEU A 304 15.17 14.99 4.40
C LEU A 304 16.19 15.73 3.55
N LEU A 305 15.86 16.04 2.28
CA LEU A 305 16.76 16.84 1.45
C LEU A 305 17.13 18.14 2.14
N ILE A 306 16.11 18.95 2.42
CA ILE A 306 16.25 20.24 3.09
C ILE A 306 17.17 20.11 4.30
N ARG A 307 16.77 19.29 5.27
CA ARG A 307 17.55 19.12 6.49
C ARG A 307 19.02 18.82 6.18
N VAL A 308 19.28 18.10 5.08
CA VAL A 308 20.59 17.59 4.75
C VAL A 308 21.31 18.59 3.85
N TYR A 309 20.74 18.86 2.69
CA TYR A 309 21.32 19.81 1.77
C TYR A 309 20.72 21.17 2.08
N LYS A 310 21.50 22.02 2.76
CA LYS A 310 20.99 23.30 3.29
C LYS A 310 20.56 24.25 2.17
N GLY A 311 21.49 24.59 1.29
CA GLY A 311 21.08 25.35 0.12
C GLY A 311 20.49 24.45 -0.96
N ILE A 312 19.20 24.63 -1.27
CA ILE A 312 18.46 23.66 -2.07
C ILE A 312 17.28 24.36 -2.73
N ASP A 313 16.97 23.97 -3.97
CA ASP A 313 15.80 24.45 -4.71
C ASP A 313 14.97 23.24 -5.10
N LEU A 314 13.75 23.17 -4.56
CA LEU A 314 12.83 22.07 -4.80
C LEU A 314 11.96 22.26 -6.03
N ASP A 315 11.93 23.44 -6.65
CA ASP A 315 11.12 23.62 -7.85
C ASP A 315 11.40 22.52 -8.87
N GLN A 316 12.68 22.26 -9.10
CA GLN A 316 13.10 21.17 -9.98
C GLN A 316 13.44 19.92 -9.16
N PHE A 317 12.43 19.43 -8.43
CA PHE A 317 12.50 18.19 -7.66
C PHE A 317 11.18 17.46 -7.79
N LYS A 318 11.23 16.20 -8.27
CA LYS A 318 10.06 15.38 -8.54
C LYS A 318 10.21 14.03 -7.84
N MET A 319 9.07 13.47 -7.38
CA MET A 319 9.04 12.16 -6.71
C MET A 319 7.70 11.47 -6.97
N ILE A 320 7.66 10.15 -6.73
CA ILE A 320 6.44 9.34 -6.87
C ILE A 320 6.40 8.21 -5.84
N ALA A 321 5.41 8.22 -4.95
CA ALA A 321 5.30 7.22 -3.90
C ALA A 321 4.01 6.41 -4.04
N TYR A 322 4.10 5.13 -3.69
CA TYR A 322 2.94 4.27 -3.45
C TYR A 322 3.15 3.67 -2.07
N GLY A 323 2.52 4.26 -1.05
CA GLY A 323 2.75 3.86 0.33
C GLY A 323 4.16 4.16 0.80
N ASP A 324 4.99 3.13 0.98
CA ASP A 324 6.38 3.29 1.41
C ASP A 324 7.35 3.29 0.24
N ASP A 325 6.91 2.80 -0.91
CA ASP A 325 7.77 2.67 -2.08
C ASP A 325 8.00 4.05 -2.69
N VAL A 326 9.24 4.47 -2.71
CA VAL A 326 9.59 5.77 -3.26
C VAL A 326 10.41 5.56 -4.51
N ILE A 327 10.39 6.57 -5.37
CA ILE A 327 11.37 6.76 -6.42
C ILE A 327 11.26 8.22 -6.82
N ALA A 328 12.41 8.85 -7.02
CA ALA A 328 12.47 10.30 -6.99
C ALA A 328 13.55 10.75 -7.95
N SER A 329 13.48 12.03 -8.32
CA SER A 329 14.50 12.61 -9.18
C SER A 329 14.93 13.97 -8.66
N TYR A 330 16.16 14.33 -8.99
CA TYR A 330 16.68 15.68 -8.81
C TYR A 330 17.88 15.88 -9.75
N PRO A 331 17.89 17.03 -10.51
CA PRO A 331 18.94 17.30 -11.50
C PRO A 331 20.33 16.78 -11.18
N HIS A 332 20.84 17.16 -10.02
CA HIS A 332 22.21 16.91 -9.61
C HIS A 332 22.25 15.76 -8.63
N LYS A 333 23.45 15.23 -8.41
CA LYS A 333 23.60 14.02 -7.63
C LYS A 333 23.29 14.32 -6.16
N ILE A 334 22.77 13.31 -5.46
CA ILE A 334 22.47 13.40 -4.04
C ILE A 334 22.93 12.12 -3.38
N ASP A 335 23.15 12.20 -2.07
CA ASP A 335 23.55 11.04 -1.31
C ASP A 335 22.34 10.48 -0.60
N PRO A 336 21.61 9.56 -1.21
CA PRO A 336 20.48 8.96 -0.52
C PRO A 336 20.89 8.28 0.77
N GLY A 337 22.12 7.82 0.86
CA GLY A 337 22.59 7.29 2.13
C GLY A 337 22.53 8.32 3.23
N LEU A 338 22.64 9.60 2.87
CA LEU A 338 22.65 10.68 3.84
C LEU A 338 21.26 11.02 4.33
N LEU A 339 20.29 10.98 3.40
CA LEU A 339 18.89 11.15 3.77
C LEU A 339 18.44 10.02 4.69
N ALA A 340 18.76 8.78 4.32
CA ALA A 340 18.57 7.64 5.21
C ALA A 340 19.12 7.91 6.61
N GLU A 341 20.26 8.60 6.69
CA GLU A 341 20.87 8.89 7.98
C GLU A 341 20.05 9.90 8.77
N ALA A 342 19.95 11.12 8.29
CA ALA A 342 19.18 12.10 9.02
C ALA A 342 17.72 11.65 9.20
N GLY A 343 17.28 10.65 8.45
CA GLY A 343 15.96 10.08 8.67
C GLY A 343 15.85 9.29 9.97
N LYS A 344 16.95 8.72 10.45
CA LYS A 344 16.93 8.09 11.78
C LYS A 344 16.62 9.12 12.86
N HIS A 345 17.01 10.38 12.65
CA HIS A 345 16.75 11.39 13.66
C HIS A 345 15.26 11.62 13.85
N TYR A 346 14.42 11.07 12.98
CA TYR A 346 12.98 11.05 13.17
C TYR A 346 12.46 9.62 13.36
N GLY A 347 13.36 8.67 13.63
CA GLY A 347 12.95 7.29 13.87
C GLY A 347 12.31 6.66 12.66
N LEU A 348 13.12 6.47 11.62
CA LEU A 348 12.72 5.88 10.34
C LEU A 348 13.91 5.11 9.79
N ILE A 349 13.76 3.81 9.60
CA ILE A 349 14.82 3.01 8.97
C ILE A 349 14.54 2.96 7.48
N MET A 350 15.35 3.68 6.70
CA MET A 350 15.24 3.63 5.25
C MET A 350 16.51 3.06 4.61
N THR A 351 16.33 2.60 3.38
CA THR A 351 17.38 1.98 2.61
C THR A 351 17.29 2.47 1.17
N PRO A 352 18.31 3.14 0.67
CA PRO A 352 18.29 3.56 -0.73
C PRO A 352 18.78 2.45 -1.64
N ALA A 353 18.41 2.57 -2.91
CA ALA A 353 18.90 1.61 -3.90
C ALA A 353 20.43 1.65 -3.98
N ASP A 354 20.99 2.83 -4.28
CA ASP A 354 22.42 3.07 -4.19
C ASP A 354 22.92 2.82 -2.77
N LYS A 355 23.63 1.72 -2.53
CA LYS A 355 24.07 1.42 -1.17
C LYS A 355 25.47 1.93 -0.84
N GLY A 356 26.23 2.45 -1.79
CA GLY A 356 27.51 3.05 -1.49
C GLY A 356 28.43 3.06 -2.69
N THR A 357 29.64 3.62 -2.45
CA THR A 357 30.53 3.94 -3.57
C THR A 357 30.90 2.70 -4.39
N SER A 358 31.11 1.56 -3.74
CA SER A 358 31.24 0.31 -4.48
C SER A 358 30.02 0.01 -5.35
N PHE A 359 28.85 0.52 -4.95
CA PHE A 359 27.60 0.16 -5.61
C PHE A 359 27.29 1.07 -6.78
N VAL A 360 26.98 0.45 -7.93
CA VAL A 360 26.61 1.19 -9.14
C VAL A 360 25.42 2.09 -8.83
N ASP A 361 25.49 3.31 -9.35
CA ASP A 361 24.44 4.28 -9.14
C ASP A 361 23.12 3.68 -9.58
N THR A 362 22.11 3.85 -8.73
CA THR A 362 20.73 3.66 -9.16
C THR A 362 20.54 4.22 -10.55
N ASN A 363 20.15 3.36 -11.47
CA ASN A 363 19.90 3.73 -12.84
C ASN A 363 18.56 3.18 -13.26
N TRP A 364 18.16 3.51 -14.48
CA TRP A 364 16.84 3.08 -14.90
C TRP A 364 16.79 1.60 -15.19
N GLU A 365 17.93 0.94 -15.27
CA GLU A 365 17.90 -0.49 -15.45
C GLU A 365 17.82 -1.23 -14.12
N ASN A 366 18.40 -0.69 -13.05
CA ASN A 366 18.49 -1.42 -11.79
C ASN A 366 17.51 -0.95 -10.74
N VAL A 367 16.86 0.20 -10.94
CA VAL A 367 15.86 0.73 -10.00
C VAL A 367 14.54 -0.01 -10.16
N THR A 368 13.76 -0.06 -9.07
CA THR A 368 12.45 -0.69 -9.03
C THR A 368 11.42 0.21 -8.37
N PHE A 369 10.16 -0.19 -8.54
CA PHE A 369 9.00 0.45 -7.94
C PHE A 369 7.86 -0.56 -8.06
N LEU A 370 6.95 -0.56 -7.08
CA LEU A 370 5.81 -1.50 -7.07
C LEU A 370 6.26 -2.93 -7.36
N LYS A 371 7.40 -3.30 -6.79
CA LYS A 371 8.09 -4.59 -6.88
C LYS A 371 8.63 -4.87 -8.29
N ARG A 372 8.42 -3.98 -9.26
CA ARG A 372 8.80 -4.20 -10.64
C ARG A 372 9.99 -3.34 -11.01
N TYR A 373 10.84 -3.89 -11.90
CA TYR A 373 11.92 -3.20 -12.61
C TYR A 373 11.35 -2.58 -13.89
N PHE A 374 12.14 -1.72 -14.54
CA PHE A 374 11.75 -1.07 -15.80
C PHE A 374 12.57 -1.63 -16.97
N ARG A 375 11.96 -1.68 -18.16
CA ARG A 375 12.72 -2.00 -19.37
C ARG A 375 12.01 -1.53 -20.64
N ALA A 376 12.71 -0.67 -21.38
CA ALA A 376 12.26 -0.16 -22.68
C ALA A 376 12.15 -1.25 -23.73
N ASP A 377 11.10 -1.19 -24.55
CA ASP A 377 10.92 -2.14 -25.63
C ASP A 377 11.99 -1.94 -26.69
N ASP A 378 12.34 -3.02 -27.40
CA ASP A 378 13.25 -2.86 -28.53
C ASP A 378 12.61 -1.96 -29.59
N GLN A 379 11.42 -2.33 -30.05
CA GLN A 379 10.84 -1.72 -31.24
C GLN A 379 10.53 -0.26 -31.01
N TYR A 380 9.71 0.02 -30.00
CA TYR A 380 9.36 1.36 -29.56
C TYR A 380 10.08 1.58 -28.24
N PRO A 381 11.33 2.05 -28.26
CA PRO A 381 12.04 2.19 -26.98
C PRO A 381 11.29 3.03 -25.96
N PHE A 382 10.71 4.19 -26.35
CA PHE A 382 9.95 5.11 -25.51
C PHE A 382 8.85 4.44 -24.71
N LEU A 383 8.67 3.12 -24.85
CA LEU A 383 7.66 2.38 -24.13
C LEU A 383 8.32 1.46 -23.11
N ILE A 384 7.86 1.50 -21.87
CA ILE A 384 8.56 0.89 -20.76
C ILE A 384 7.73 -0.30 -20.28
N HIS A 385 8.36 -1.46 -20.21
CA HIS A 385 7.69 -2.61 -19.65
C HIS A 385 7.68 -2.53 -18.14
N PRO A 386 6.55 -2.85 -17.50
CA PRO A 386 6.61 -3.17 -16.08
C PRO A 386 7.06 -4.62 -15.93
N VAL A 387 8.31 -4.84 -15.54
CA VAL A 387 8.92 -6.17 -15.49
C VAL A 387 8.89 -6.68 -14.06
N MET A 388 8.10 -7.73 -13.82
CA MET A 388 8.05 -8.39 -12.52
C MET A 388 8.95 -9.61 -12.51
N PRO A 389 9.85 -9.77 -11.54
CA PRO A 389 10.70 -10.95 -11.49
C PRO A 389 9.93 -12.26 -11.66
N MET A 390 10.54 -13.20 -12.40
CA MET A 390 9.95 -14.54 -12.48
C MET A 390 9.92 -15.17 -11.10
N LYS A 391 11.03 -15.11 -10.36
CA LYS A 391 11.04 -15.55 -8.95
C LYS A 391 9.73 -15.16 -8.28
N GLU A 392 9.34 -13.90 -8.40
CA GLU A 392 8.10 -13.42 -7.81
C GLU A 392 6.90 -14.19 -8.33
N ILE A 393 6.84 -14.35 -9.65
CA ILE A 393 5.74 -15.10 -10.25
C ILE A 393 5.83 -16.56 -9.85
N HIS A 394 7.04 -17.15 -9.93
CA HIS A 394 7.23 -18.54 -9.52
C HIS A 394 6.64 -18.77 -8.14
N GLU A 395 7.06 -17.96 -7.17
CA GLU A 395 6.50 -18.08 -5.83
C GLU A 395 5.00 -17.88 -5.84
N SER A 396 4.49 -17.01 -6.73
CA SER A 396 3.07 -16.74 -6.77
C SER A 396 2.28 -17.99 -7.16
N ILE A 397 2.84 -18.82 -8.04
CA ILE A 397 2.10 -19.90 -8.69
C ILE A 397 2.07 -21.20 -7.88
N ARG A 398 3.07 -21.44 -7.01
CA ARG A 398 3.24 -22.70 -6.29
C ARG A 398 2.12 -23.00 -5.30
N TRP A 399 1.25 -22.04 -4.99
CA TRP A 399 0.23 -22.20 -3.96
C TRP A 399 -1.09 -21.64 -4.48
N THR A 400 -2.19 -22.23 -4.04
CA THR A 400 -3.49 -21.74 -4.46
C THR A 400 -4.40 -21.46 -3.27
N LYS A 401 -5.27 -20.47 -3.45
CA LYS A 401 -6.34 -20.22 -2.51
C LYS A 401 -7.50 -21.18 -2.76
N ASP A 402 -8.09 -21.11 -3.94
CA ASP A 402 -9.19 -21.97 -4.35
C ASP A 402 -8.80 -22.61 -5.67
N PRO A 403 -8.61 -23.92 -5.74
CA PRO A 403 -8.09 -24.53 -6.98
C PRO A 403 -9.04 -24.40 -8.15
N ARG A 404 -10.30 -24.12 -7.89
CA ARG A 404 -11.25 -23.80 -8.94
C ARG A 404 -10.98 -22.45 -9.58
N ASN A 405 -10.19 -21.60 -8.95
CA ASN A 405 -9.88 -20.30 -9.53
C ASN A 405 -8.47 -20.31 -10.09
N THR A 406 -8.06 -21.45 -10.67
CA THR A 406 -6.72 -21.60 -11.23
C THR A 406 -6.57 -20.89 -12.57
N GLN A 407 -7.56 -21.03 -13.47
CA GLN A 407 -7.47 -20.42 -14.79
C GLN A 407 -7.21 -18.92 -14.70
N ASP A 408 -8.12 -18.18 -14.05
CA ASP A 408 -7.91 -16.75 -13.88
C ASP A 408 -6.68 -16.46 -13.06
N HIS A 409 -6.34 -17.34 -12.12
CA HIS A 409 -5.17 -17.08 -11.30
C HIS A 409 -3.86 -17.20 -12.05
N VAL A 410 -3.82 -17.93 -13.16
CA VAL A 410 -2.60 -17.96 -13.96
C VAL A 410 -2.67 -16.97 -15.11
N ARG A 411 -3.84 -16.83 -15.74
CA ARG A 411 -4.02 -15.79 -16.74
C ARG A 411 -3.61 -14.43 -16.18
N SER A 412 -4.08 -14.13 -14.96
CA SER A 412 -3.64 -12.93 -14.27
C SER A 412 -2.12 -12.91 -14.15
N LEU A 413 -1.52 -14.04 -13.79
CA LEU A 413 -0.07 -14.12 -13.77
C LEU A 413 0.54 -13.96 -15.16
N CYS A 414 -0.14 -14.44 -16.20
CA CYS A 414 0.43 -14.36 -17.53
C CYS A 414 0.55 -12.93 -18.00
N TYR A 415 -0.48 -12.13 -17.79
CA TYR A 415 -0.40 -10.73 -18.21
C TYR A 415 0.76 -9.98 -17.55
N LEU A 416 1.30 -10.51 -16.45
CA LEU A 416 2.44 -9.95 -15.75
C LEU A 416 3.78 -10.54 -16.20
N ALA A 417 3.76 -11.82 -16.61
CA ALA A 417 4.99 -12.55 -16.90
C ALA A 417 5.53 -12.25 -18.29
N TRP A 418 4.66 -11.89 -19.23
CA TRP A 418 5.12 -11.73 -20.59
C TRP A 418 6.14 -10.60 -20.72
N HIS A 419 6.03 -9.56 -19.88
CA HIS A 419 7.01 -8.49 -19.96
C HIS A 419 8.39 -8.95 -19.66
N ASN A 420 8.70 -10.22 -19.52
CA ASN A 420 10.09 -10.64 -19.39
C ASN A 420 10.65 -11.18 -20.72
N GLY A 421 9.83 -11.28 -21.75
CA GLY A 421 10.33 -11.61 -23.07
C GLY A 421 9.81 -12.93 -23.59
N GLU A 422 9.78 -13.06 -24.92
CA GLU A 422 9.17 -14.23 -25.55
C GLU A 422 9.76 -15.52 -24.98
N GLU A 423 11.08 -15.64 -25.03
CA GLU A 423 11.75 -16.87 -24.58
C GLU A 423 11.34 -17.22 -23.15
N ALA A 424 11.39 -16.25 -22.24
CA ALA A 424 10.99 -16.48 -20.85
C ALA A 424 9.52 -16.87 -20.76
N TYR A 425 8.67 -16.26 -21.58
CA TYR A 425 7.26 -16.65 -21.60
C TYR A 425 7.06 -18.06 -22.15
N ASN A 426 7.87 -18.46 -23.14
CA ASN A 426 7.84 -19.84 -23.60
C ASN A 426 8.27 -20.79 -22.50
N GLU A 427 9.40 -20.48 -21.85
CA GLU A 427 9.85 -21.28 -20.71
C GLU A 427 8.72 -21.46 -19.73
N PHE A 428 8.03 -20.35 -19.45
CA PHE A 428 6.98 -20.33 -18.44
C PHE A 428 5.81 -21.23 -18.83
N CYS A 429 5.26 -21.04 -20.04
CA CYS A 429 4.14 -21.85 -20.48
C CYS A 429 4.56 -23.30 -20.69
N ARG A 430 5.77 -23.54 -21.21
CA ARG A 430 6.30 -24.90 -21.24
C ARG A 430 6.19 -25.56 -19.86
N LYS A 431 6.72 -24.91 -18.82
CA LYS A 431 6.70 -25.50 -17.49
C LYS A 431 5.27 -25.77 -17.04
N ILE A 432 4.36 -24.87 -17.37
CA ILE A 432 2.97 -25.00 -16.96
C ILE A 432 2.37 -26.24 -17.58
N ARG A 433 2.69 -26.49 -18.84
CA ARG A 433 2.09 -27.60 -19.58
C ARG A 433 2.94 -28.85 -19.51
N SER A 434 3.91 -28.89 -18.60
CA SER A 434 4.52 -30.15 -18.20
C SER A 434 3.72 -30.88 -17.12
N VAL A 435 2.53 -30.40 -16.77
CA VAL A 435 1.76 -31.06 -15.72
C VAL A 435 0.32 -31.21 -16.19
N PRO A 436 -0.33 -32.36 -15.89
CA PRO A 436 -1.70 -32.63 -16.38
C PRO A 436 -2.70 -31.47 -16.40
N VAL A 437 -2.79 -30.68 -15.33
CA VAL A 437 -3.90 -29.74 -15.18
C VAL A 437 -3.83 -28.60 -16.19
N GLY A 438 -2.64 -28.04 -16.37
CA GLY A 438 -2.41 -26.92 -17.28
C GLY A 438 -2.38 -27.27 -18.75
N ARG A 439 -2.31 -28.56 -19.09
CA ARG A 439 -2.31 -28.97 -20.49
C ARG A 439 -3.59 -28.57 -21.21
N ALA A 440 -4.70 -28.50 -20.48
CA ALA A 440 -5.96 -28.03 -21.05
C ALA A 440 -6.15 -26.55 -20.88
N LEU A 441 -5.27 -25.90 -20.13
CA LEU A 441 -5.48 -24.50 -19.75
C LEU A 441 -5.32 -23.57 -20.94
N THR A 442 -6.26 -22.66 -21.09
CA THR A 442 -6.12 -21.58 -22.06
C THR A 442 -4.98 -20.66 -21.64
N LEU A 443 -4.04 -20.41 -22.55
CA LEU A 443 -3.00 -19.43 -22.26
C LEU A 443 -2.98 -18.36 -23.33
N PRO A 444 -2.78 -17.09 -22.97
CA PRO A 444 -2.64 -16.06 -24.01
C PRO A 444 -1.29 -16.22 -24.66
N ALA A 445 -1.27 -16.14 -25.99
CA ALA A 445 0.00 -16.19 -26.70
C ALA A 445 0.74 -14.86 -26.54
N TYR A 446 2.06 -14.92 -26.74
CA TYR A 446 2.90 -13.73 -26.65
C TYR A 446 2.38 -12.60 -27.53
N SER A 447 2.17 -12.88 -28.82
CA SER A 447 1.74 -11.84 -29.76
C SER A 447 0.40 -11.21 -29.34
N SER A 448 -0.52 -11.99 -28.79
CA SER A 448 -1.78 -11.42 -28.33
C SER A 448 -1.58 -10.47 -27.16
N LEU A 449 -0.84 -10.90 -26.14
CA LEU A 449 -0.54 -10.02 -25.01
C LEU A 449 0.13 -8.73 -25.48
N ARG A 450 1.15 -8.86 -26.33
CA ARG A 450 1.89 -7.70 -26.83
C ARG A 450 1.00 -6.77 -27.67
N ARG A 451 0.09 -7.33 -28.47
CA ARG A 451 -0.88 -6.46 -29.14
C ARG A 451 -1.75 -5.74 -28.12
N LYS A 452 -2.34 -6.48 -27.16
CA LYS A 452 -3.26 -5.86 -26.22
C LYS A 452 -2.59 -4.72 -25.47
N TRP A 453 -1.29 -4.84 -25.21
CA TRP A 453 -0.57 -3.86 -24.41
C TRP A 453 -0.43 -2.55 -25.15
N LEU A 454 -0.05 -2.61 -26.43
CA LEU A 454 0.08 -1.41 -27.25
C LEU A 454 -1.24 -0.73 -27.48
N ASP A 455 -2.36 -1.43 -27.35
CA ASP A 455 -3.67 -0.83 -27.49
C ASP A 455 -4.15 -0.17 -26.20
N SER A 456 -3.52 -0.51 -25.05
CA SER A 456 -3.77 0.21 -23.80
C SER A 456 -3.48 1.69 -23.94
N PHE A 457 -2.58 2.07 -24.83
CA PHE A 457 -2.28 3.48 -25.09
C PHE A 457 -3.27 4.10 -26.06
#